data_1BPZ
#
_entry.id   1BPZ
#
_cell.length_a   53.535
_cell.length_b   78.656
_cell.length_c   54.618
_cell.angle_alpha   90.00
_cell.angle_beta   107.54
_cell.angle_gamma   90.00
#
_symmetry.space_group_name_H-M   'P 1 21 1'
#
loop_
_entity.id
_entity.type
_entity.pdbx_description
1 polymer "DNA (5'-D(*CP*CP*GP*AP*CP*CP*AP*CP*GP*CP*AP*TP*CP*AP*GP*C)-3')"
2 polymer "DNA (5'-D(*GP*CP*TP*GP*AP*TP*GP*CP*GP*TP*G)-3')"
3 polymer "DNA (5'-D(*GP*TP*CP*GP*G)-3')"
4 polymer 'PROTEIN (DNA POLYMERASE BETA)'
5 non-polymer 'SODIUM ION'
6 water water
#
loop_
_entity_poly.entity_id
_entity_poly.type
_entity_poly.pdbx_seq_one_letter_code
_entity_poly.pdbx_strand_id
1 'polydeoxyribonucleotide' (DC)(DC)(DG)(DA)(DC)(DC)(DA)(DC)(DG)(DC)(DA)(DT)(DC)(DA)(DG)(DC) T
2 'polydeoxyribonucleotide' (DG)(DC)(DT)(DG)(DA)(DT)(DG)(DC)(DG)(DT)(DG) P
3 'polydeoxyribonucleotide' (DG)(DT)(DC)(DG)(DG) D
4 'polypeptide(L)'
;MSKRKAPQETLNGGITDMLTELANFEKNVSQAIHKYNAYRKAASVIAKYPHKIKSGAEAKKLPGVGTKIAEKIDEFLATG
KLRKLEKIRQDDTSSSINFLTRVSGIGPSAARKFVDEGIKTLEDLRKNEDKLNHHQRIGLKYFGDFEKRIPREEMLQMQD
IVLNEVKKVDSEYIATVCGSFRRGAESSGDMDVLLTHPSFTSESTKQPKLLHQVVEQLQKVHFITDTLSKGETKFMGVCQ
LPSKNDEKEYPHRRIDIRLIPKDQYYCGVLYFTGSDIFNKNMRAHALEKGFTINEYTIRPLGVTGVAGEPLPVDSEKDIF
DYIQWKYREPKDRSE
;
A
#
loop_
_chem_comp.id
_chem_comp.type
_chem_comp.name
_chem_comp.formula
DA DNA linking 2'-DEOXYADENOSINE-5'-MONOPHOSPHATE 'C10 H14 N5 O6 P'
DC DNA linking 2'-DEOXYCYTIDINE-5'-MONOPHOSPHATE 'C9 H14 N3 O7 P'
DG DNA linking 2'-DEOXYGUANOSINE-5'-MONOPHOSPHATE 'C10 H14 N5 O7 P'
DT DNA linking THYMIDINE-5'-MONOPHOSPHATE 'C10 H15 N2 O8 P'
NA non-polymer 'SODIUM ION' 'Na 1'
#
# COMPACT_ATOMS: atom_id res chain seq x y z
N LYS D 5 5.72 -19.78 -4.41
CA LYS D 5 6.95 -19.87 -5.20
C LYS D 5 6.96 -18.87 -6.41
N ALA D 6 8.04 -18.00 -6.53
CA ALA D 6 8.19 -17.00 -7.62
C ALA D 6 9.68 -16.73 -8.05
N PRO D 7 9.97 -17.06 -9.35
CA PRO D 7 11.28 -16.98 -10.06
C PRO D 7 11.52 -15.61 -10.65
N GLN D 8 10.89 -15.51 -11.83
CA GLN D 8 10.70 -14.47 -12.86
C GLN D 8 11.62 -13.48 -13.60
N GLU D 9 13.03 -13.25 -13.35
CA GLU D 9 13.54 -12.09 -14.12
C GLU D 9 13.76 -12.23 -15.63
N THR D 10 14.87 -12.91 -16.00
CA THR D 10 15.20 -13.15 -17.41
C THR D 10 14.12 -13.97 -18.15
N LEU D 11 13.10 -14.33 -17.35
CA LEU D 11 11.93 -15.07 -17.69
C LEU D 11 10.90 -14.22 -18.41
N ASN D 12 10.05 -13.56 -17.65
CA ASN D 12 9.03 -12.75 -18.29
C ASN D 12 9.06 -11.24 -18.15
N GLY D 13 9.99 -10.73 -17.35
CA GLY D 13 10.17 -9.32 -17.10
C GLY D 13 9.86 -8.35 -18.23
N GLY D 14 10.31 -8.65 -19.46
CA GLY D 14 10.03 -7.72 -20.58
C GLY D 14 8.55 -7.39 -20.67
N ILE D 15 7.79 -8.50 -20.73
CA ILE D 15 6.36 -8.54 -20.82
C ILE D 15 5.78 -7.83 -19.62
N THR D 16 6.17 -8.27 -18.46
CA THR D 16 5.72 -7.73 -17.21
C THR D 16 5.98 -6.25 -17.03
N ASP D 17 6.92 -5.75 -17.76
CA ASP D 17 7.20 -4.38 -17.62
C ASP D 17 6.42 -3.53 -18.59
N MET D 18 6.36 -3.95 -19.83
CA MET D 18 5.59 -3.23 -20.83
C MET D 18 4.16 -3.10 -20.29
N LEU D 19 3.77 -4.11 -19.53
CA LEU D 19 2.48 -4.21 -18.93
C LEU D 19 2.26 -3.13 -17.92
N THR D 20 3.16 -3.08 -16.94
CA THR D 20 3.09 -2.07 -15.89
C THR D 20 3.21 -0.71 -16.48
N GLU D 21 3.81 -0.63 -17.64
CA GLU D 21 3.94 0.66 -18.24
C GLU D 21 2.54 1.08 -18.53
N LEU D 22 1.93 0.11 -19.21
CA LEU D 22 0.56 0.12 -19.69
C LEU D 22 -0.48 0.53 -18.58
N ALA D 23 -0.36 -0.03 -17.42
CA ALA D 23 -1.16 0.19 -16.28
C ALA D 23 -1.13 1.62 -15.77
N ASN D 24 0.12 2.06 -15.51
CA ASN D 24 0.39 3.38 -15.00
C ASN D 24 -0.23 4.33 -15.92
N PHE D 25 0.04 4.13 -17.20
CA PHE D 25 -0.54 5.04 -18.18
C PHE D 25 -2.00 5.26 -18.14
N GLU D 26 -2.75 4.15 -17.97
CA GLU D 26 -4.21 4.05 -17.90
C GLU D 26 -4.69 4.79 -16.67
N LYS D 27 -4.01 4.52 -15.58
CA LYS D 27 -4.34 5.16 -14.32
C LYS D 27 -4.27 6.67 -14.52
N ASN D 28 -3.00 7.13 -14.45
CA ASN D 28 -2.44 8.48 -14.56
C ASN D 28 -2.95 9.32 -15.69
N VAL D 29 -2.86 8.83 -16.89
CA VAL D 29 -3.32 9.61 -18.00
C VAL D 29 -4.64 9.23 -18.66
N SER D 30 -5.17 8.09 -18.32
CA SER D 30 -6.43 7.73 -18.96
C SER D 30 -7.59 7.86 -18.02
N GLN D 31 -7.28 7.54 -16.77
CA GLN D 31 -8.14 7.55 -15.63
C GLN D 31 -9.02 6.33 -15.52
N ALA D 32 -8.42 5.21 -15.93
CA ALA D 32 -9.03 3.92 -15.91
C ALA D 32 -8.48 3.09 -14.78
N ILE D 33 -8.93 3.29 -13.59
CA ILE D 33 -8.41 2.52 -12.54
C ILE D 33 -8.70 1.04 -12.72
N HIS D 34 -9.76 0.74 -13.38
CA HIS D 34 -10.10 -0.65 -13.56
C HIS D 34 -9.22 -1.22 -14.58
N LYS D 35 -9.15 -0.55 -15.69
CA LYS D 35 -8.28 -1.00 -16.74
C LYS D 35 -6.80 -1.05 -16.21
N TYR D 36 -6.51 -0.16 -15.34
CA TYR D 36 -5.21 -0.11 -14.79
C TYR D 36 -5.01 -1.35 -13.99
N ASN D 37 -5.94 -1.64 -13.11
CA ASN D 37 -5.88 -2.80 -12.23
C ASN D 37 -5.83 -4.13 -12.98
N ALA D 38 -6.40 -4.14 -14.17
CA ALA D 38 -6.40 -5.33 -14.95
C ALA D 38 -4.93 -5.68 -15.21
N TYR D 39 -4.33 -4.82 -16.06
CA TYR D 39 -2.94 -4.86 -16.50
C TYR D 39 -2.10 -5.20 -15.31
N ARG D 40 -2.50 -4.67 -14.20
CA ARG D 40 -1.73 -5.02 -13.06
C ARG D 40 -1.85 -6.49 -12.79
N LYS D 41 -3.09 -7.05 -12.63
CA LYS D 41 -3.30 -8.53 -12.36
C LYS D 41 -2.59 -9.44 -13.37
N ALA D 42 -2.76 -9.03 -14.62
CA ALA D 42 -2.17 -9.67 -15.75
C ALA D 42 -0.69 -9.80 -15.42
N ALA D 43 0.09 -8.70 -15.56
CA ALA D 43 1.51 -8.62 -15.29
C ALA D 43 1.86 -9.40 -14.03
N SER D 44 1.05 -9.28 -13.03
CA SER D 44 1.38 -10.04 -11.84
C SER D 44 1.32 -11.54 -12.08
N VAL D 45 0.22 -11.99 -12.68
CA VAL D 45 0.06 -13.43 -12.93
C VAL D 45 1.22 -13.93 -13.74
N ILE D 46 1.52 -13.19 -14.85
CA ILE D 46 2.63 -13.59 -15.64
C ILE D 46 3.93 -13.52 -14.82
N ALA D 47 4.00 -12.64 -13.84
CA ALA D 47 5.21 -12.59 -13.06
C ALA D 47 5.48 -13.89 -12.35
N LYS D 48 4.41 -14.52 -12.00
CA LYS D 48 4.55 -15.77 -11.31
C LYS D 48 4.80 -17.00 -12.13
N TYR D 49 4.22 -17.06 -13.30
CA TYR D 49 4.31 -18.20 -14.25
C TYR D 49 5.70 -18.72 -14.64
N PRO D 50 6.08 -19.87 -14.08
CA PRO D 50 7.37 -20.51 -14.33
C PRO D 50 7.79 -20.92 -15.71
N HIS D 51 7.68 -20.09 -16.74
CA HIS D 51 8.11 -20.51 -18.05
C HIS D 51 8.35 -19.33 -18.85
N LYS D 52 8.79 -19.53 -20.01
CA LYS D 52 9.02 -18.38 -20.76
C LYS D 52 7.88 -18.35 -21.74
N ILE D 53 7.12 -17.29 -21.72
CA ILE D 53 6.02 -17.25 -22.64
C ILE D 53 6.49 -17.22 -24.06
N LYS D 54 5.94 -18.13 -24.90
CA LYS D 54 6.31 -18.24 -26.32
C LYS D 54 5.27 -17.64 -27.23
N SER D 55 4.05 -17.49 -26.70
CA SER D 55 2.96 -16.93 -27.49
C SER D 55 1.92 -16.16 -26.63
N GLY D 56 1.11 -15.31 -27.31
CA GLY D 56 0.08 -14.53 -26.67
C GLY D 56 -0.90 -15.53 -26.09
N ALA D 57 -1.28 -16.47 -26.98
CA ALA D 57 -2.20 -17.56 -26.68
C ALA D 57 -1.70 -18.30 -25.49
N GLU D 58 -0.40 -18.38 -25.42
CA GLU D 58 0.14 -19.10 -24.29
C GLU D 58 -0.18 -18.51 -22.98
N ALA D 59 -0.06 -17.18 -22.95
CA ALA D 59 -0.34 -16.39 -21.76
C ALA D 59 -1.86 -16.32 -21.48
N LYS D 60 -2.60 -16.18 -22.61
CA LYS D 60 -4.05 -16.11 -22.65
C LYS D 60 -4.64 -17.14 -21.72
N LYS D 61 -4.00 -18.28 -21.72
CA LYS D 61 -4.32 -19.44 -20.89
C LYS D 61 -4.37 -18.99 -19.43
N LEU D 62 -3.80 -17.79 -19.19
CA LEU D 62 -3.78 -17.27 -17.86
C LEU D 62 -5.05 -16.45 -17.46
N PRO D 63 -5.26 -16.49 -16.18
CA PRO D 63 -6.33 -15.86 -15.49
C PRO D 63 -6.08 -14.37 -15.26
N GLY D 64 -6.37 -13.58 -16.27
CA GLY D 64 -6.25 -12.17 -16.38
C GLY D 64 -5.83 -11.93 -17.83
N VAL D 65 -5.31 -12.96 -18.50
CA VAL D 65 -4.94 -12.64 -19.85
C VAL D 65 -6.12 -12.83 -20.70
N GLY D 66 -6.11 -12.08 -21.78
CA GLY D 66 -7.20 -12.12 -22.67
C GLY D 66 -6.68 -11.66 -24.00
N THR D 67 -7.59 -11.63 -24.92
CA THR D 67 -7.26 -11.23 -26.26
C THR D 67 -6.44 -9.97 -26.41
N LYS D 68 -6.95 -8.81 -26.03
CA LYS D 68 -6.16 -7.59 -26.18
C LYS D 68 -4.71 -7.65 -25.64
N ILE D 69 -4.48 -8.14 -24.43
CA ILE D 69 -3.12 -8.21 -23.91
C ILE D 69 -2.33 -9.36 -24.56
N ALA D 70 -3.09 -10.35 -24.93
CA ALA D 70 -2.49 -11.46 -25.57
C ALA D 70 -1.88 -10.90 -26.84
N GLU D 71 -2.68 -10.13 -27.57
CA GLU D 71 -2.19 -9.53 -28.81
C GLU D 71 -0.97 -8.68 -28.55
N LYS D 72 -0.96 -8.05 -27.37
CA LYS D 72 0.16 -7.20 -27.05
C LYS D 72 1.44 -8.01 -27.07
N ILE D 73 1.40 -9.05 -26.25
CA ILE D 73 2.49 -10.01 -26.11
C ILE D 73 3.01 -10.49 -27.46
N ASP D 74 2.16 -10.63 -28.49
CA ASP D 74 2.64 -11.07 -29.81
C ASP D 74 3.46 -10.00 -30.48
N GLU D 75 2.99 -8.74 -30.38
CA GLU D 75 3.69 -7.59 -30.95
C GLU D 75 5.02 -7.44 -30.20
N PHE D 76 5.01 -7.65 -28.92
CA PHE D 76 6.22 -7.55 -28.16
C PHE D 76 7.23 -8.62 -28.52
N LEU D 77 6.83 -9.89 -28.35
CA LEU D 77 7.68 -11.05 -28.63
C LEU D 77 8.38 -10.93 -29.96
N ALA D 78 7.53 -10.78 -30.96
CA ALA D 78 7.95 -10.63 -32.34
C ALA D 78 8.85 -9.42 -32.57
N THR D 79 8.31 -8.18 -32.42
CA THR D 79 9.00 -6.89 -32.61
C THR D 79 10.01 -6.56 -31.52
N GLY D 80 9.71 -6.85 -30.26
CA GLY D 80 10.67 -6.54 -29.20
C GLY D 80 10.30 -5.25 -28.47
N LYS D 81 9.10 -4.71 -28.79
CA LYS D 81 8.49 -3.50 -28.25
C LYS D 81 7.00 -3.50 -28.50
N LEU D 82 6.42 -2.30 -28.39
CA LEU D 82 4.99 -2.05 -28.59
C LEU D 82 4.78 -0.67 -29.18
N ARG D 83 4.38 -0.60 -30.46
CA ARG D 83 4.17 0.66 -31.15
C ARG D 83 3.44 1.67 -30.30
N LYS D 84 2.33 1.21 -29.74
CA LYS D 84 1.51 2.01 -28.87
C LYS D 84 2.38 2.66 -27.82
N LEU D 85 3.14 1.83 -27.11
CA LEU D 85 4.03 2.27 -26.05
C LEU D 85 5.10 3.25 -26.55
N GLU D 86 5.46 3.11 -27.80
CA GLU D 86 6.44 4.05 -28.20
C GLU D 86 5.90 5.47 -28.36
N LYS D 87 4.71 5.60 -28.96
CA LYS D 87 4.15 6.93 -29.13
C LYS D 87 3.99 7.58 -27.76
N ILE D 88 3.30 6.86 -26.90
CA ILE D 88 3.06 7.32 -25.56
C ILE D 88 4.33 7.76 -24.90
N ARG D 89 5.37 6.93 -24.94
CA ARG D 89 6.62 7.34 -24.31
C ARG D 89 7.14 8.59 -24.97
N GLN D 90 6.82 8.76 -26.26
CA GLN D 90 7.26 9.93 -26.99
C GLN D 90 6.36 11.13 -26.68
N ASP D 91 5.08 10.88 -26.37
CA ASP D 91 4.06 11.88 -26.04
C ASP D 91 4.40 12.83 -24.88
N ASP D 92 4.46 14.13 -25.18
CA ASP D 92 4.79 15.15 -24.19
C ASP D 92 3.96 15.11 -22.93
N THR D 93 2.68 15.38 -23.25
CA THR D 93 1.60 15.43 -22.29
C THR D 93 1.57 14.23 -21.38
N SER D 94 1.31 13.06 -22.00
CA SER D 94 1.24 11.84 -21.28
C SER D 94 2.42 11.72 -20.38
N SER D 95 3.54 12.12 -20.92
CA SER D 95 4.69 12.03 -20.07
C SER D 95 4.69 12.91 -18.85
N SER D 96 4.56 14.22 -19.12
CA SER D 96 4.58 15.17 -17.99
C SER D 96 3.49 14.73 -17.04
N ILE D 97 2.40 14.26 -17.71
CA ILE D 97 1.31 13.81 -16.94
C ILE D 97 1.71 12.57 -16.15
N ASN D 98 2.45 11.67 -16.84
CA ASN D 98 2.85 10.49 -16.14
C ASN D 98 3.66 10.88 -14.90
N PHE D 99 4.84 11.51 -15.13
CA PHE D 99 5.79 11.97 -14.10
C PHE D 99 5.20 12.68 -12.87
N LEU D 100 4.49 13.77 -13.19
CA LEU D 100 3.81 14.59 -12.19
C LEU D 100 3.10 13.82 -11.09
N THR D 101 2.53 12.62 -11.36
CA THR D 101 1.83 11.90 -10.27
C THR D 101 2.78 11.18 -9.39
N ARG D 102 4.06 11.19 -9.87
CA ARG D 102 5.01 10.53 -9.01
C ARG D 102 5.06 11.32 -7.73
N VAL D 103 4.61 12.57 -7.76
CA VAL D 103 4.57 13.41 -6.57
C VAL D 103 3.39 13.05 -5.65
N SER D 104 3.62 12.89 -4.32
CA SER D 104 2.55 12.54 -3.37
C SER D 104 1.59 13.65 -3.15
N GLY D 105 0.33 13.34 -3.42
CA GLY D 105 -0.81 14.23 -3.30
C GLY D 105 -1.24 14.61 -4.70
N ILE D 106 -0.46 14.22 -5.70
CA ILE D 106 -0.91 14.57 -7.04
C ILE D 106 -1.42 13.31 -7.61
N GLY D 107 -2.51 13.50 -8.27
CA GLY D 107 -3.17 12.44 -8.90
C GLY D 107 -3.27 12.95 -10.27
N PRO D 108 -4.10 12.24 -11.00
CA PRO D 108 -4.36 12.49 -12.38
C PRO D 108 -5.24 13.68 -12.62
N SER D 109 -6.04 14.06 -11.62
CA SER D 109 -6.83 15.24 -11.99
C SER D 109 -5.86 16.40 -11.99
N ALA D 110 -5.25 16.59 -10.80
CA ALA D 110 -4.24 17.60 -10.58
C ALA D 110 -3.26 17.55 -11.72
N ALA D 111 -2.59 16.43 -11.85
CA ALA D 111 -1.62 16.22 -12.92
C ALA D 111 -2.15 16.62 -14.27
N ARG D 112 -3.36 16.31 -14.54
CA ARG D 112 -3.79 16.73 -15.85
C ARG D 112 -4.08 18.19 -15.81
N LYS D 113 -4.39 18.58 -14.59
CA LYS D 113 -4.74 19.97 -14.40
C LYS D 113 -3.58 20.83 -14.75
N PHE D 114 -2.57 20.70 -13.86
CA PHE D 114 -1.31 21.42 -13.92
C PHE D 114 -0.85 21.49 -15.32
N VAL D 115 -0.58 20.34 -15.81
CA VAL D 115 -0.12 20.19 -17.17
C VAL D 115 -0.82 21.04 -18.24
N ASP D 116 -2.12 21.26 -18.07
CA ASP D 116 -2.86 22.07 -19.01
C ASP D 116 -2.39 23.52 -18.91
N GLU D 117 -2.39 24.00 -17.67
CA GLU D 117 -1.95 25.36 -17.46
C GLU D 117 -0.44 25.47 -17.74
N GLY D 118 0.15 24.56 -18.52
CA GLY D 118 1.56 24.57 -18.86
C GLY D 118 2.49 24.17 -17.73
N ILE D 119 1.97 23.82 -16.58
CA ILE D 119 2.87 23.42 -15.53
C ILE D 119 3.30 22.01 -15.82
N LYS D 120 4.55 21.65 -15.70
CA LYS D 120 4.79 20.26 -16.04
C LYS D 120 6.10 19.72 -15.56
N THR D 121 6.75 20.47 -14.69
CA THR D 121 7.99 19.95 -14.22
C THR D 121 8.07 20.13 -12.79
N LEU D 122 9.24 19.86 -12.30
CA LEU D 122 9.39 20.00 -10.91
C LEU D 122 9.56 21.44 -10.61
N GLU D 123 10.23 22.08 -11.52
CA GLU D 123 10.45 23.49 -11.34
C GLU D 123 9.17 24.26 -11.35
N ASP D 124 8.31 23.99 -12.32
CA ASP D 124 7.07 24.72 -12.36
C ASP D 124 6.35 24.47 -11.05
N LEU D 125 6.57 23.29 -10.53
CA LEU D 125 5.95 22.98 -9.26
C LEU D 125 6.57 23.90 -8.26
N ARG D 126 7.90 23.96 -8.33
CA ARG D 126 8.75 24.78 -7.48
C ARG D 126 8.28 26.25 -7.53
N LYS D 127 8.12 26.78 -8.75
CA LYS D 127 7.67 28.14 -8.99
C LYS D 127 6.13 28.42 -9.07
N ASN D 128 5.31 27.67 -8.31
CA ASN D 128 3.89 27.85 -8.30
C ASN D 128 3.27 27.24 -7.09
N GLU D 129 4.08 26.91 -6.09
CA GLU D 129 3.53 26.29 -4.85
C GLU D 129 2.22 26.80 -4.30
N ASP D 130 1.86 27.99 -4.71
CA ASP D 130 0.65 28.63 -4.27
C ASP D 130 -0.56 27.83 -4.76
N LYS D 131 -0.31 27.20 -5.91
CA LYS D 131 -1.28 26.37 -6.54
C LYS D 131 -1.15 24.89 -6.11
N LEU D 132 -0.76 24.59 -4.86
CA LEU D 132 -0.62 23.25 -4.39
C LEU D 132 -1.05 23.12 -2.96
N ASN D 133 -1.86 22.18 -2.62
CA ASN D 133 -2.21 22.17 -1.23
C ASN D 133 -1.05 21.72 -0.42
N HIS D 134 -1.27 21.56 0.86
CA HIS D 134 -0.24 21.11 1.72
C HIS D 134 0.32 19.80 1.30
N HIS D 135 -0.57 18.75 1.29
CA HIS D 135 -0.16 17.41 0.91
C HIS D 135 0.68 17.55 -0.31
N GLN D 136 0.12 18.15 -1.37
CA GLN D 136 0.94 18.29 -2.53
C GLN D 136 2.24 19.00 -2.27
N ARG D 137 2.29 19.90 -1.28
CA ARG D 137 3.54 20.62 -1.00
C ARG D 137 4.59 19.73 -0.38
N ILE D 138 4.25 19.14 0.76
CA ILE D 138 5.15 18.23 1.48
C ILE D 138 5.82 17.19 0.56
N GLY D 139 5.11 16.68 -0.38
CA GLY D 139 5.70 15.74 -1.26
C GLY D 139 6.44 16.46 -2.37
N LEU D 140 6.29 17.76 -2.62
CA LEU D 140 7.07 18.40 -3.70
C LEU D 140 8.46 18.46 -3.06
N LYS D 141 8.29 18.58 -1.78
CA LYS D 141 9.39 18.66 -0.91
C LYS D 141 10.18 17.40 -1.12
N TYR D 142 9.80 16.47 -0.23
CA TYR D 142 10.36 15.14 -0.11
C TYR D 142 10.21 14.25 -1.31
N PHE D 143 10.22 14.85 -2.53
CA PHE D 143 10.09 14.04 -3.72
C PHE D 143 11.00 12.83 -3.65
N GLY D 144 12.28 13.07 -3.82
CA GLY D 144 13.29 12.06 -3.76
C GLY D 144 13.15 11.10 -2.61
N ASP D 145 12.91 11.57 -1.39
CA ASP D 145 12.79 10.70 -0.21
C ASP D 145 11.77 9.62 -0.31
N PHE D 146 10.70 10.07 -0.99
CA PHE D 146 9.49 9.33 -1.30
C PHE D 146 9.61 8.07 -2.18
N GLU D 147 10.52 8.07 -3.18
CA GLU D 147 10.78 6.97 -4.10
C GLU D 147 11.91 6.08 -3.50
N LYS D 148 12.19 6.13 -2.20
CA LYS D 148 13.26 5.31 -1.62
C LYS D 148 12.77 4.20 -0.85
N ARG D 149 13.47 3.07 -0.97
CA ARG D 149 13.02 1.94 -0.20
C ARG D 149 13.51 2.04 1.20
N ILE D 150 12.72 1.53 2.12
CA ILE D 150 13.18 1.62 3.48
C ILE D 150 13.79 0.32 3.95
N PRO D 151 14.99 0.40 4.43
CA PRO D 151 15.68 -0.75 4.93
C PRO D 151 15.25 -1.17 6.29
N ARG D 152 14.48 -2.28 6.38
CA ARG D 152 13.97 -2.84 7.62
C ARG D 152 14.86 -2.59 8.84
N GLU D 153 16.19 -2.45 8.58
CA GLU D 153 17.14 -2.18 9.64
C GLU D 153 16.86 -0.81 10.21
N GLU D 154 16.76 0.17 9.29
CA GLU D 154 16.47 1.52 9.65
C GLU D 154 15.11 1.37 10.29
N MET D 155 14.31 0.56 9.58
CA MET D 155 12.97 0.27 9.99
C MET D 155 13.00 -0.15 11.43
N LEU D 156 13.86 -1.12 11.72
CA LEU D 156 14.04 -1.64 13.07
C LEU D 156 14.26 -0.51 14.00
N GLN D 157 15.24 0.31 13.64
CA GLN D 157 15.61 1.48 14.39
C GLN D 157 14.28 2.21 14.57
N MET D 158 13.59 2.45 13.44
CA MET D 158 12.30 3.14 13.48
C MET D 158 11.36 2.56 14.51
N GLN D 159 11.31 1.27 14.47
CA GLN D 159 10.46 0.58 15.34
C GLN D 159 10.68 0.90 16.78
N ASP D 160 11.88 1.23 17.11
CA ASP D 160 12.04 1.51 18.50
C ASP D 160 11.31 2.68 19.06
N ILE D 161 11.65 3.83 18.53
CA ILE D 161 11.07 5.06 18.98
C ILE D 161 9.58 5.01 19.15
N VAL D 162 8.92 4.72 18.05
CA VAL D 162 7.47 4.68 18.07
C VAL D 162 6.96 3.80 19.17
N LEU D 163 7.68 2.73 19.37
CA LEU D 163 7.33 1.79 20.40
C LEU D 163 7.55 2.44 21.72
N ASN D 164 8.70 3.08 21.79
CA ASN D 164 9.00 3.75 23.01
C ASN D 164 8.14 4.96 23.31
N GLU D 165 8.09 5.83 22.30
CA GLU D 165 7.33 7.06 22.35
C GLU D 165 5.98 6.82 22.96
N VAL D 166 5.24 5.85 22.39
CA VAL D 166 3.90 5.44 22.83
C VAL D 166 3.93 4.81 24.22
N LYS D 167 5.04 4.16 24.51
CA LYS D 167 5.21 3.51 25.78
C LYS D 167 5.05 4.53 26.89
N LYS D 168 5.61 5.73 26.66
CA LYS D 168 5.53 6.82 27.63
C LYS D 168 4.12 7.41 27.79
N VAL D 169 3.53 7.83 26.65
CA VAL D 169 2.21 8.40 26.66
C VAL D 169 1.19 7.59 27.42
N ASP D 170 1.18 6.28 27.15
CA ASP D 170 0.28 5.36 27.81
C ASP D 170 0.85 3.96 27.70
N SER D 171 0.74 3.25 28.82
CA SER D 171 1.21 1.87 29.06
C SER D 171 0.29 0.82 28.49
N GLU D 172 -0.99 1.18 28.45
CA GLU D 172 -2.09 0.36 27.96
C GLU D 172 -2.28 0.50 26.45
N TYR D 173 -1.66 1.51 25.82
CA TYR D 173 -1.82 1.69 24.37
C TYR D 173 -1.34 0.43 23.67
N ILE D 174 -1.72 0.27 22.41
CA ILE D 174 -1.28 -0.92 21.71
C ILE D 174 -0.78 -0.64 20.32
N ALA D 175 0.50 -0.65 20.22
CA ALA D 175 1.09 -0.40 18.95
C ALA D 175 1.74 -1.65 18.51
N THR D 176 1.73 -1.77 17.20
CA THR D 176 2.29 -2.90 16.50
C THR D 176 2.45 -2.50 15.06
N VAL D 177 3.68 -2.53 14.57
CA VAL D 177 3.85 -2.15 13.18
C VAL D 177 3.13 -3.19 12.36
N CYS D 178 2.97 -2.90 11.09
CA CYS D 178 2.30 -3.80 10.18
C CYS D 178 2.73 -3.58 8.77
N GLY D 179 1.95 -4.15 7.85
CA GLY D 179 2.19 -4.07 6.41
C GLY D 179 3.27 -5.07 5.97
N SER D 180 4.22 -4.58 5.16
CA SER D 180 5.32 -5.40 4.66
C SER D 180 6.31 -5.82 5.74
N PHE D 181 6.89 -4.86 6.45
CA PHE D 181 7.85 -5.14 7.52
C PHE D 181 7.41 -6.25 8.48
N ARG D 182 6.10 -6.43 8.66
CA ARG D 182 5.63 -7.47 9.54
C ARG D 182 5.92 -8.76 8.83
N ARG D 183 5.86 -8.61 7.50
CA ARG D 183 6.12 -9.69 6.59
C ARG D 183 7.63 -9.87 6.43
N GLY D 184 8.40 -9.86 7.51
CA GLY D 184 9.85 -10.02 7.46
C GLY D 184 10.65 -9.35 6.30
N ALA D 185 10.01 -8.47 5.47
CA ALA D 185 10.72 -7.83 4.35
C ALA D 185 12.07 -7.27 4.69
N GLU D 186 12.90 -7.13 3.66
CA GLU D 186 14.24 -6.61 3.81
C GLU D 186 14.39 -5.13 3.37
N SER D 187 13.24 -4.54 2.99
CA SER D 187 13.15 -3.15 2.55
C SER D 187 11.74 -2.71 2.17
N SER D 188 11.10 -1.94 3.11
CA SER D 188 9.75 -1.38 3.05
C SER D 188 9.61 -0.06 2.33
N GLY D 189 8.34 0.21 2.04
CA GLY D 189 7.87 1.39 1.34
C GLY D 189 7.59 2.56 2.29
N ASP D 190 7.18 2.23 3.51
CA ASP D 190 6.91 3.22 4.46
C ASP D 190 6.56 2.51 5.71
N MET D 191 6.54 3.23 6.80
CA MET D 191 6.21 2.53 7.99
C MET D 191 4.78 2.55 8.29
N ASP D 192 4.23 1.39 8.46
CA ASP D 192 2.83 1.40 8.76
C ASP D 192 2.64 1.15 10.24
N VAL D 193 1.85 1.97 10.92
CA VAL D 193 1.67 1.77 12.35
C VAL D 193 0.26 1.68 12.82
N LEU D 194 0.05 0.50 13.33
CA LEU D 194 -1.21 0.15 13.86
C LEU D 194 -1.19 0.21 15.34
N LEU D 195 -2.27 0.80 15.78
CA LEU D 195 -2.44 0.97 17.15
C LEU D 195 -3.89 1.15 17.60
N THR D 196 -4.06 0.89 18.90
CA THR D 196 -5.31 1.02 19.60
C THR D 196 -5.10 1.33 21.07
N HIS D 197 -6.16 1.20 21.85
CA HIS D 197 -6.06 1.47 23.25
C HIS D 197 -7.29 0.94 23.94
N PRO D 198 -7.12 0.47 25.20
CA PRO D 198 -8.21 -0.08 25.99
C PRO D 198 -9.48 0.75 25.96
N SER D 199 -9.34 2.00 26.32
CA SER D 199 -10.48 2.90 26.32
C SER D 199 -11.05 3.01 24.92
N PHE D 200 -10.36 2.44 23.93
CA PHE D 200 -10.83 2.53 22.56
C PHE D 200 -11.49 1.28 22.00
N THR D 201 -12.81 1.36 21.81
CA THR D 201 -13.58 0.24 21.28
C THR D 201 -14.77 0.71 20.43
N SER D 202 -15.25 -0.18 19.55
CA SER D 202 -16.37 0.09 18.66
C SER D 202 -17.54 0.94 19.24
N GLU D 203 -18.46 0.27 19.95
CA GLU D 203 -19.61 0.90 20.56
C GLU D 203 -19.32 1.92 21.67
N SER D 204 -18.04 2.12 21.95
CA SER D 204 -17.58 3.04 22.98
C SER D 204 -17.56 4.51 22.48
N THR D 205 -17.10 5.44 23.36
CA THR D 205 -17.00 6.88 23.05
C THR D 205 -15.54 7.27 22.71
N LYS D 206 -15.27 7.27 21.39
CA LYS D 206 -13.97 7.57 20.78
C LYS D 206 -13.23 8.79 21.29
N GLN D 207 -12.09 8.48 21.91
CA GLN D 207 -11.25 9.52 22.46
C GLN D 207 -10.09 9.94 21.58
N PRO D 208 -10.42 10.98 20.83
CA PRO D 208 -9.54 11.63 19.88
C PRO D 208 -8.12 11.76 20.41
N LYS D 209 -8.09 12.11 21.70
CA LYS D 209 -6.90 12.31 22.49
C LYS D 209 -5.89 11.26 22.15
N LEU D 210 -6.39 10.01 22.13
CA LEU D 210 -5.60 8.83 21.84
C LEU D 210 -4.72 9.00 20.65
N LEU D 211 -5.30 9.12 19.48
CA LEU D 211 -4.42 9.30 18.36
C LEU D 211 -3.67 10.61 18.54
N HIS D 212 -4.47 11.63 18.91
CA HIS D 212 -3.95 12.95 19.11
C HIS D 212 -2.68 13.00 19.88
N GLN D 213 -2.87 12.65 21.11
CA GLN D 213 -1.86 12.62 22.06
C GLN D 213 -0.57 11.94 21.56
N VAL D 214 -0.67 10.75 20.92
CA VAL D 214 0.52 10.01 20.41
C VAL D 214 1.32 10.56 19.25
N VAL D 215 0.64 11.16 18.31
CA VAL D 215 1.30 11.74 17.20
C VAL D 215 2.24 12.79 17.79
N GLU D 216 1.71 13.53 18.79
CA GLU D 216 2.39 14.56 19.54
C GLU D 216 3.62 14.09 20.23
N GLN D 217 3.54 12.89 20.82
CA GLN D 217 4.67 12.26 21.51
C GLN D 217 5.78 12.20 20.49
N LEU D 218 5.50 11.52 19.40
CA LEU D 218 6.43 11.36 18.30
C LEU D 218 6.83 12.67 17.64
N GLN D 219 6.05 13.69 17.96
CA GLN D 219 6.24 15.07 17.48
C GLN D 219 7.19 15.86 18.40
N LYS D 220 6.89 15.68 19.67
CA LYS D 220 7.61 16.29 20.73
C LYS D 220 9.08 16.03 20.53
N VAL D 221 9.40 14.74 20.52
CA VAL D 221 10.74 14.16 20.36
C VAL D 221 11.21 14.07 18.89
N HIS D 222 10.91 15.09 18.11
CA HIS D 222 11.27 15.23 16.69
C HIS D 222 11.18 14.04 15.70
N PHE D 223 10.36 13.03 16.01
CA PHE D 223 10.24 11.87 15.15
C PHE D 223 9.49 12.07 13.84
N ILE D 224 8.45 12.88 13.94
CA ILE D 224 7.60 13.21 12.83
C ILE D 224 7.90 14.62 12.35
N THR D 225 8.34 14.81 11.12
CA THR D 225 8.62 16.14 10.69
C THR D 225 7.36 16.80 10.22
N ASP D 226 6.96 16.52 9.01
CA ASP D 226 5.75 17.10 8.48
C ASP D 226 4.46 16.31 8.87
N THR D 227 3.27 16.62 8.23
CA THR D 227 1.92 16.03 8.47
C THR D 227 1.10 16.16 7.17
N LEU D 228 0.63 15.00 6.53
CA LEU D 228 -0.17 14.93 5.29
C LEU D 228 -1.68 15.10 5.57
N SER D 229 -2.07 14.57 6.69
CA SER D 229 -3.41 14.66 7.10
C SER D 229 -3.55 13.96 8.42
N LYS D 230 -4.59 14.33 9.15
CA LYS D 230 -4.91 13.78 10.44
C LYS D 230 -6.42 13.92 10.83
N GLY D 231 -6.90 12.97 11.68
CA GLY D 231 -8.27 12.86 12.18
C GLY D 231 -8.34 11.88 13.36
N GLU D 232 -9.48 11.81 14.03
CA GLU D 232 -9.63 10.93 15.17
C GLU D 232 -9.15 9.50 14.97
N THR D 233 -9.26 9.01 13.75
CA THR D 233 -8.86 7.63 13.53
C THR D 233 -7.44 7.37 12.98
N LYS D 234 -7.06 8.05 11.93
CA LYS D 234 -5.73 7.73 11.50
C LYS D 234 -4.94 8.94 11.04
N PHE D 235 -3.63 8.89 11.34
CA PHE D 235 -2.64 9.91 10.99
C PHE D 235 -1.77 9.47 9.80
N MET D 236 -1.66 10.38 8.82
CA MET D 236 -0.87 10.24 7.61
C MET D 236 0.24 11.33 7.54
N GLY D 237 1.42 11.08 8.12
CA GLY D 237 2.45 12.07 8.06
C GLY D 237 3.80 11.56 7.63
N VAL D 238 4.86 12.37 7.95
CA VAL D 238 6.30 12.14 7.68
C VAL D 238 7.08 11.89 8.98
N CYS D 239 8.23 11.19 8.90
CA CYS D 239 9.02 10.91 10.09
C CYS D 239 10.48 10.86 9.74
N GLN D 240 11.30 10.98 10.78
CA GLN D 240 12.73 10.91 10.56
C GLN D 240 13.52 10.34 11.73
N LEU D 241 14.70 9.88 11.38
CA LEU D 241 15.58 9.30 12.34
C LEU D 241 16.62 10.27 12.88
N PRO D 242 16.81 10.19 14.22
CA PRO D 242 17.75 11.02 14.89
C PRO D 242 19.09 10.87 14.20
N SER D 243 19.48 11.87 13.40
CA SER D 243 20.76 11.68 12.76
C SER D 243 21.92 11.60 13.73
N LYS D 244 22.59 10.51 13.55
CA LYS D 244 23.75 10.09 14.28
C LYS D 244 24.86 11.08 13.97
N ASN D 245 25.44 11.61 15.07
CA ASN D 245 26.50 12.59 15.01
C ASN D 245 27.52 12.31 13.93
N ASP D 246 27.60 13.18 12.91
CA ASP D 246 28.58 12.97 11.86
C ASP D 246 28.24 11.87 10.87
N GLU D 247 26.97 11.45 10.93
CA GLU D 247 26.42 10.43 10.07
C GLU D 247 25.30 11.17 9.36
N LYS D 248 25.38 11.21 8.02
CA LYS D 248 24.37 11.91 7.22
C LYS D 248 22.93 11.50 7.41
N GLU D 249 22.15 12.55 7.52
CA GLU D 249 20.74 12.50 7.70
C GLU D 249 20.04 11.49 6.80
N TYR D 250 19.31 10.57 7.41
CA TYR D 250 18.60 9.63 6.58
C TYR D 250 17.58 10.39 5.74
N PRO D 251 16.73 9.65 5.08
CA PRO D 251 15.77 10.37 4.30
C PRO D 251 14.54 10.47 5.16
N HIS D 252 13.54 11.21 4.66
CA HIS D 252 12.30 11.37 5.40
C HIS D 252 11.34 10.36 4.87
N ARG D 253 10.85 9.55 5.79
CA ARG D 253 9.94 8.50 5.39
C ARG D 253 8.49 8.56 5.80
N ARG D 254 7.67 8.30 4.81
CA ARG D 254 6.27 8.28 5.02
C ARG D 254 5.92 7.32 6.13
N ILE D 255 4.93 7.66 6.91
CA ILE D 255 4.47 6.83 7.99
C ILE D 255 3.00 7.07 8.09
N ASP D 256 2.27 6.15 8.77
CA ASP D 256 0.81 6.23 8.95
C ASP D 256 0.51 5.54 10.21
N ILE D 257 -0.36 6.10 10.97
CA ILE D 257 -0.64 5.40 12.18
C ILE D 257 -2.05 5.05 12.12
N ARG D 258 -2.45 4.01 12.81
CA ARG D 258 -3.83 3.68 12.72
C ARG D 258 -4.35 3.33 14.08
N LEU D 259 -5.41 4.05 14.45
CA LEU D 259 -6.09 3.89 15.72
C LEU D 259 -7.33 3.11 15.57
N ILE D 260 -7.39 2.00 16.31
CA ILE D 260 -8.55 1.10 16.23
C ILE D 260 -9.27 0.71 17.54
N PRO D 261 -10.55 0.36 17.46
CA PRO D 261 -11.32 -0.03 18.65
C PRO D 261 -10.99 -1.47 19.06
N LYS D 262 -10.80 -1.71 20.36
CA LYS D 262 -10.48 -3.04 20.86
C LYS D 262 -11.20 -4.22 20.25
N ASP D 263 -12.51 -4.10 20.12
CA ASP D 263 -13.30 -5.18 19.54
C ASP D 263 -12.95 -5.53 18.09
N GLN D 264 -12.29 -4.65 17.36
CA GLN D 264 -11.96 -4.98 15.99
C GLN D 264 -10.50 -4.77 15.53
N TYR D 265 -9.60 -4.81 16.51
CA TYR D 265 -8.24 -4.64 16.21
C TYR D 265 -7.82 -5.76 15.27
N TYR D 266 -7.49 -6.88 15.88
CA TYR D 266 -7.05 -8.12 15.24
C TYR D 266 -7.56 -8.36 13.83
N CYS D 267 -8.88 -8.19 13.59
CA CYS D 267 -9.34 -8.40 12.23
C CYS D 267 -8.61 -7.35 11.41
N GLY D 268 -8.63 -6.13 11.95
CA GLY D 268 -7.99 -5.01 11.31
C GLY D 268 -6.53 -5.35 11.13
N VAL D 269 -5.97 -5.81 12.24
CA VAL D 269 -4.59 -6.22 12.28
C VAL D 269 -4.36 -7.25 11.23
N LEU D 270 -5.25 -8.23 11.31
CA LEU D 270 -5.27 -9.33 10.41
C LEU D 270 -5.31 -8.77 9.02
N TYR D 271 -6.43 -8.10 8.75
CA TYR D 271 -6.67 -7.49 7.48
C TYR D 271 -5.48 -6.69 6.96
N PHE D 272 -5.03 -5.71 7.75
CA PHE D 272 -3.91 -4.91 7.31
C PHE D 272 -2.71 -5.63 6.83
N THR D 273 -2.21 -6.53 7.68
CA THR D 273 -1.03 -7.34 7.42
C THR D 273 -0.99 -8.03 6.06
N GLY D 274 -2.15 -8.12 5.44
CA GLY D 274 -2.18 -8.75 4.15
C GLY D 274 -1.73 -10.18 4.30
N SER D 275 -1.11 -10.71 3.26
CA SER D 275 -0.91 -9.93 2.06
C SER D 275 -2.15 -9.89 1.18
N ASP D 276 -1.92 -9.56 -0.05
CA ASP D 276 -3.03 -9.47 -0.94
C ASP D 276 -3.76 -10.79 -1.12
N ILE D 277 -3.05 -11.71 -1.78
CA ILE D 277 -3.57 -13.02 -2.05
C ILE D 277 -3.91 -13.71 -0.75
N PHE D 278 -3.17 -13.32 0.27
CA PHE D 278 -3.40 -13.89 1.55
C PHE D 278 -4.82 -13.62 1.97
N ASN D 279 -5.27 -12.41 1.71
CA ASN D 279 -6.62 -12.02 2.05
C ASN D 279 -7.62 -12.72 1.17
N LYS D 280 -7.28 -12.78 -0.10
CA LYS D 280 -8.14 -13.41 -1.10
C LYS D 280 -8.49 -14.86 -0.74
N ASN D 281 -7.46 -15.68 -0.49
CA ASN D 281 -7.59 -17.09 -0.14
C ASN D 281 -8.19 -17.42 1.22
N MET D 282 -7.87 -16.60 2.22
CA MET D 282 -8.39 -16.78 3.57
C MET D 282 -9.89 -16.57 3.61
N ARG D 283 -10.28 -15.41 3.06
CA ARG D 283 -11.68 -15.04 3.00
C ARG D 283 -12.44 -16.17 2.36
N ALA D 284 -11.82 -16.76 1.34
CA ALA D 284 -12.42 -17.87 0.65
C ALA D 284 -12.61 -18.99 1.64
N HIS D 285 -11.54 -19.35 2.34
CA HIS D 285 -11.61 -20.41 3.31
C HIS D 285 -12.63 -20.16 4.41
N ALA D 286 -12.50 -19.01 5.09
CA ALA D 286 -13.38 -18.60 6.18
C ALA D 286 -14.82 -18.78 5.81
N LEU D 287 -15.06 -18.69 4.51
CA LEU D 287 -16.36 -18.83 3.90
C LEU D 287 -16.85 -20.28 4.00
N GLU D 288 -15.99 -21.19 3.54
CA GLU D 288 -16.26 -22.61 3.54
C GLU D 288 -16.68 -23.15 4.89
N LYS D 289 -16.11 -22.55 5.91
CA LYS D 289 -16.45 -23.00 7.22
C LYS D 289 -17.74 -22.37 7.68
N GLY D 290 -18.24 -21.46 6.82
CA GLY D 290 -19.47 -20.71 7.05
C GLY D 290 -19.26 -19.33 7.70
N PHE D 291 -18.38 -18.49 7.12
CA PHE D 291 -18.11 -17.17 7.67
C PHE D 291 -17.73 -16.17 6.60
N THR D 292 -17.86 -14.89 6.92
CA THR D 292 -17.53 -13.80 6.01
C THR D 292 -16.66 -12.73 6.68
N ILE D 293 -15.42 -12.59 6.18
CA ILE D 293 -14.46 -11.63 6.71
C ILE D 293 -14.44 -10.29 5.97
N ASN D 294 -13.82 -9.33 6.67
CA ASN D 294 -13.61 -7.96 6.23
C ASN D 294 -12.48 -7.31 7.04
N GLU D 295 -12.56 -6.00 7.25
CA GLU D 295 -11.54 -5.30 8.00
C GLU D 295 -11.90 -5.09 9.49
N TYR D 296 -13.16 -5.31 9.85
CA TYR D 296 -13.57 -5.12 11.23
C TYR D 296 -14.07 -6.36 11.95
N THR D 297 -14.64 -7.30 11.20
CA THR D 297 -15.13 -8.47 11.87
C THR D 297 -15.12 -9.71 11.04
N ILE D 298 -15.89 -10.66 11.62
CA ILE D 298 -16.17 -12.02 11.20
C ILE D 298 -17.58 -12.33 11.66
N ARG D 299 -18.37 -12.89 10.77
CA ARG D 299 -19.73 -13.21 11.08
C ARG D 299 -20.17 -14.58 10.57
N PRO D 300 -21.00 -15.21 11.41
CA PRO D 300 -21.56 -16.50 11.13
C PRO D 300 -22.42 -16.40 9.90
N LEU D 301 -21.90 -16.94 8.81
CA LEU D 301 -22.60 -16.91 7.56
C LEU D 301 -23.90 -17.69 7.62
N GLY D 302 -24.95 -16.90 7.49
CA GLY D 302 -26.33 -17.32 7.51
C GLY D 302 -26.65 -18.73 7.08
N VAL D 303 -27.75 -19.18 7.72
CA VAL D 303 -28.36 -20.46 7.55
C VAL D 303 -29.32 -20.36 6.37
N THR D 304 -29.53 -19.12 5.93
CA THR D 304 -30.42 -18.83 4.83
C THR D 304 -29.74 -18.24 3.59
N GLY D 305 -28.44 -18.03 3.66
CA GLY D 305 -27.70 -17.48 2.53
C GLY D 305 -26.77 -16.38 3.01
N VAL D 306 -27.27 -15.62 3.99
CA VAL D 306 -26.56 -14.52 4.61
C VAL D 306 -27.18 -14.16 5.95
N ALA D 307 -26.30 -14.02 6.95
CA ALA D 307 -26.68 -13.68 8.31
C ALA D 307 -25.60 -12.82 8.98
N GLY D 308 -26.03 -11.91 9.84
CA GLY D 308 -25.12 -11.03 10.55
C GLY D 308 -24.62 -11.50 11.90
N GLU D 309 -24.30 -10.48 12.71
CA GLU D 309 -23.80 -10.56 14.06
C GLU D 309 -22.42 -11.16 14.15
N PRO D 310 -21.48 -10.26 14.26
CA PRO D 310 -20.09 -10.62 14.35
C PRO D 310 -19.69 -11.34 15.64
N LEU D 311 -18.60 -12.09 15.53
CA LEU D 311 -18.03 -12.85 16.61
C LEU D 311 -17.04 -12.00 17.36
N PRO D 312 -16.67 -12.45 18.54
CA PRO D 312 -15.73 -11.75 19.40
C PRO D 312 -14.28 -12.20 19.23
N VAL D 313 -13.47 -11.40 18.53
CA VAL D 313 -12.08 -11.75 18.30
C VAL D 313 -11.08 -11.06 19.22
N ASP D 314 -10.31 -11.86 19.93
CA ASP D 314 -9.32 -11.30 20.82
C ASP D 314 -7.91 -11.61 20.46
N SER D 315 -7.73 -12.07 19.23
CA SER D 315 -6.44 -12.42 18.72
C SER D 315 -6.54 -13.03 17.34
N GLU D 316 -5.52 -12.79 16.54
CA GLU D 316 -5.43 -13.30 15.19
C GLU D 316 -5.64 -14.81 15.15
N LYS D 317 -5.27 -15.44 16.27
CA LYS D 317 -5.41 -16.86 16.42
C LYS D 317 -6.89 -17.13 16.47
N ASP D 318 -7.57 -16.35 17.33
CA ASP D 318 -9.00 -16.47 17.52
C ASP D 318 -9.66 -16.47 16.18
N ILE D 319 -9.23 -15.57 15.33
CA ILE D 319 -9.80 -15.52 14.01
C ILE D 319 -9.59 -16.85 13.28
N PHE D 320 -8.30 -17.22 13.15
CA PHE D 320 -7.89 -18.44 12.48
C PHE D 320 -8.71 -19.64 12.91
N ASP D 321 -8.95 -19.68 14.22
CA ASP D 321 -9.69 -20.73 14.91
C ASP D 321 -11.13 -20.94 14.46
N TYR D 322 -11.82 -19.85 14.11
CA TYR D 322 -13.20 -19.92 13.66
C TYR D 322 -13.35 -20.63 12.33
N ILE D 323 -12.43 -20.33 11.41
CA ILE D 323 -12.43 -20.91 10.09
C ILE D 323 -11.72 -22.27 10.04
N GLN D 324 -11.25 -22.72 11.21
CA GLN D 324 -10.53 -23.98 11.33
C GLN D 324 -9.26 -24.03 10.48
N TRP D 325 -8.39 -23.04 10.75
CA TRP D 325 -7.11 -22.84 10.07
C TRP D 325 -5.93 -22.67 11.01
N LYS D 326 -4.80 -23.22 10.59
CA LYS D 326 -3.59 -23.13 11.37
C LYS D 326 -3.16 -21.69 11.58
N TYR D 327 -2.87 -21.33 12.85
CA TYR D 327 -2.44 -19.97 13.13
C TYR D 327 -1.23 -19.69 12.28
N ARG D 328 -1.49 -19.10 11.15
CA ARG D 328 -0.47 -18.76 10.23
C ARG D 328 0.35 -17.61 10.73
N GLU D 329 1.65 -17.74 10.52
CA GLU D 329 2.56 -16.71 10.92
C GLU D 329 2.46 -15.63 9.86
N PRO D 330 2.81 -14.41 10.24
CA PRO D 330 2.76 -13.28 9.32
C PRO D 330 3.75 -13.50 8.20
N LYS D 331 4.88 -14.08 8.59
CA LYS D 331 5.98 -14.38 7.71
C LYS D 331 5.53 -15.15 6.48
N ASP D 332 4.60 -16.08 6.70
CA ASP D 332 4.08 -16.89 5.63
C ASP D 332 2.68 -16.60 5.14
N ARG D 333 2.28 -15.35 5.26
CA ARG D 333 0.97 -14.92 4.82
C ARG D 333 1.03 -14.54 3.36
N SER D 334 1.85 -15.32 2.66
CA SER D 334 2.11 -15.20 1.24
C SER D 334 0.81 -15.28 0.43
N GLU D 335 -0.13 -16.05 0.97
CA GLU D 335 -1.43 -16.27 0.36
C GLU D 335 -2.21 -17.27 1.18
NA NA E . 0.66 10.87 -6.95
NA NA F . -7.35 -16.01 -19.85
#